data_7CCD
#
_entry.id   7CCD
#
_cell.length_a   46.940
_cell.length_b   48.940
_cell.length_c   56.190
_cell.angle_alpha   107.040
_cell.angle_beta   109.790
_cell.angle_gamma   97.260
#
_symmetry.space_group_name_H-M   'P 1'
#
loop_
_entity.id
_entity.type
_entity.pdbx_description
1 polymer 'HNHc domain-containing protein'
2 polymer "DNA (5'-D(*CP*AP*CP*GP*TP*TP*CP*GP*CP*C)-3')"
3 polymer "DNA (5'-D(*GP*GP*CP*GP*AS*AP*CP*GP*TP*G)-3')"
4 water water
#
loop_
_entity_poly.entity_id
_entity_poly.type
_entity_poly.pdbx_seq_one_letter_code
_entity_poly.pdbx_strand_id
1 'polypeptide(L)'
;PLTDTDRSEDFLRRVRGLKAARTANGPRLYQPITLLWAVGRARRGEARTLAWADTDEAIGALLKRHGARGERPRPDYPVL
ALHRAGLWTLEGHVGEVPTAHGDSALRNWFAEQRPVGGLAEPFHDLLHRSGHSRVSVIEALLTTYFAGLDPVPLLEDTGL
YDEGHHHHH
;
A,B
2 'polydeoxyribonucleotide' (DC)(DA)(DC)(DG)(DT)(DT)(DC)(DG)(DC)(DC) E,C
3 'polydeoxyribonucleotide' (DG)(DG)(DC)(DG)(AS)(DA)(DC)(DG)(DT)(DG) F,D
#
loop_
_chem_comp.id
_chem_comp.type
_chem_comp.name
_chem_comp.formula
AS DNA linking '2-DEOXY-ADENOSINE -5'-THIO-MONOPHOSPHATE' 'C10 H14 N5 O5 P S'
DA DNA linking 2'-DEOXYADENOSINE-5'-MONOPHOSPHATE 'C10 H14 N5 O6 P'
DC DNA linking 2'-DEOXYCYTIDINE-5'-MONOPHOSPHATE 'C9 H14 N3 O7 P'
DG DNA linking 2'-DEOXYGUANOSINE-5'-MONOPHOSPHATE 'C10 H14 N5 O7 P'
DT DNA linking THYMIDINE-5'-MONOPHOSPHATE 'C10 H15 N2 O8 P'
#
# COMPACT_ATOMS: atom_id res chain seq x y z
N PRO A 1 12.62 -24.71 -6.81
CA PRO A 1 12.21 -24.43 -5.43
C PRO A 1 12.33 -22.95 -5.05
N LEU A 2 12.07 -22.64 -3.78
CA LEU A 2 12.17 -21.28 -3.27
C LEU A 2 13.63 -20.86 -3.18
N THR A 3 14.05 -19.97 -4.07
CA THR A 3 15.45 -19.57 -4.17
C THR A 3 15.66 -18.18 -3.59
N ASP A 4 16.93 -17.82 -3.46
CA ASP A 4 17.27 -16.45 -3.11
C ASP A 4 16.77 -15.46 -4.15
N THR A 5 16.71 -15.88 -5.43
CA THR A 5 16.12 -15.01 -6.44
C THR A 5 14.68 -14.69 -6.08
N ASP A 6 13.88 -15.71 -5.74
CA ASP A 6 12.48 -15.45 -5.38
C ASP A 6 12.38 -14.65 -4.10
N ARG A 7 13.19 -15.01 -3.08
CA ARG A 7 13.26 -14.19 -1.87
C ARG A 7 13.56 -12.74 -2.21
N SER A 8 14.36 -12.52 -3.25
CA SER A 8 14.76 -11.17 -3.64
C SER A 8 13.62 -10.43 -4.34
N GLU A 9 12.91 -11.11 -5.24
CA GLU A 9 11.76 -10.49 -5.87
C GLU A 9 10.67 -10.24 -4.84
N ASP A 10 10.52 -11.12 -3.86
CA ASP A 10 9.59 -10.82 -2.77
C ASP A 10 9.99 -9.54 -2.05
N PHE A 11 11.25 -9.48 -1.58
CA PHE A 11 11.73 -8.28 -0.89
C PHE A 11 11.54 -7.04 -1.74
N LEU A 12 11.88 -7.13 -3.03
CA LEU A 12 11.80 -5.99 -3.94
C LEU A 12 10.36 -5.54 -4.15
N ARG A 13 9.43 -6.50 -4.19
CA ARG A 13 8.03 -6.11 -4.31
C ARG A 13 7.56 -5.44 -3.03
N ARG A 14 8.04 -5.88 -1.91
CA ARG A 14 7.72 -5.26 -0.67
C ARG A 14 8.36 -3.90 -0.55
N VAL A 15 9.57 -3.76 -1.02
CA VAL A 15 10.23 -2.46 -1.02
C VAL A 15 9.52 -1.51 -1.96
N ARG A 16 9.16 -1.98 -3.16
CA ARG A 16 8.47 -1.13 -4.11
C ARG A 16 7.10 -0.70 -3.61
N GLY A 17 6.47 -1.54 -2.76
CA GLY A 17 5.17 -1.18 -2.20
C GLY A 17 5.22 -0.13 -1.11
N LEU A 18 6.40 0.25 -0.67
CA LEU A 18 6.49 1.30 0.32
C LEU A 18 5.97 2.60 -0.29
N LYS A 19 5.48 3.49 0.56
CA LYS A 19 4.96 4.78 0.10
C LYS A 19 5.68 5.85 0.89
N ALA A 20 6.76 6.36 0.33
CA ALA A 20 7.46 7.45 0.98
C ALA A 20 6.67 8.74 0.81
N ALA A 21 6.73 9.60 1.81
CA ALA A 21 6.26 10.96 1.62
C ALA A 21 7.00 11.57 0.45
N ARG A 22 6.33 12.46 -0.26
CA ARG A 22 6.81 12.97 -1.53
C ARG A 22 7.01 14.48 -1.42
N THR A 23 8.06 14.98 -2.08
CA THR A 23 8.32 16.42 -2.20
C THR A 23 7.78 16.94 -3.53
N ALA A 24 8.10 18.19 -3.84
CA ALA A 24 7.68 18.78 -5.10
C ALA A 24 8.39 18.12 -6.29
N ASN A 25 9.68 17.78 -6.14
CA ASN A 25 10.36 17.00 -7.18
C ASN A 25 11.02 15.75 -6.62
N GLY A 26 10.27 15.00 -5.81
CA GLY A 26 10.51 13.59 -5.66
C GLY A 26 10.20 13.05 -4.28
N PRO A 27 10.53 11.78 -4.07
CA PRO A 27 10.23 11.15 -2.80
C PRO A 27 11.25 11.53 -1.75
N ARG A 28 10.78 11.57 -0.50
CA ARG A 28 11.66 11.83 0.62
C ARG A 28 12.52 10.61 0.86
N LEU A 29 13.71 10.84 1.42
CA LEU A 29 14.77 9.85 1.36
C LEU A 29 14.91 9.07 2.64
N TYR A 30 14.05 9.31 3.63
CA TYR A 30 14.14 8.59 4.90
C TYR A 30 14.26 7.08 4.70
N GLN A 31 13.37 6.48 3.93
CA GLN A 31 13.29 5.03 3.85
C GLN A 31 14.42 4.41 3.03
N PRO A 32 14.73 4.90 1.82
CA PRO A 32 15.88 4.31 1.10
C PRO A 32 17.20 4.47 1.83
N ILE A 33 17.42 5.63 2.46
CA ILE A 33 18.63 5.80 3.26
C ILE A 33 18.68 4.76 4.38
N THR A 34 17.53 4.51 5.03
CA THR A 34 17.50 3.52 6.09
C THR A 34 17.71 2.14 5.53
N LEU A 35 17.03 1.83 4.44
CA LEU A 35 17.24 0.54 3.78
C LEU A 35 18.68 0.37 3.32
N LEU A 36 19.24 1.38 2.65
CA LEU A 36 20.60 1.25 2.12
C LEU A 36 21.61 1.04 3.25
N TRP A 37 21.40 1.73 4.37
CA TRP A 37 22.24 1.51 5.55
C TRP A 37 22.15 0.07 6.02
N ALA A 38 20.93 -0.47 6.12
CA ALA A 38 20.79 -1.87 6.51
C ALA A 38 21.37 -2.77 5.45
N VAL A 39 21.25 -2.39 4.17
CA VAL A 39 21.84 -3.21 3.11
C VAL A 39 23.33 -3.36 3.35
N GLY A 40 24.05 -2.25 3.57
CA GLY A 40 25.49 -2.32 3.82
C GLY A 40 25.83 -3.18 5.02
N ARG A 41 25.08 -3.00 6.12
CA ARG A 41 25.37 -3.75 7.34
C ARG A 41 25.10 -5.24 7.16
N ALA A 42 24.05 -5.58 6.41
CA ALA A 42 23.83 -6.98 6.05
C ALA A 42 24.94 -7.51 5.16
N ARG A 43 25.40 -6.70 4.20
CA ARG A 43 26.46 -7.17 3.31
C ARG A 43 27.70 -7.59 4.09
N ARG A 44 28.01 -6.87 5.17
CA ARG A 44 29.21 -7.08 5.96
C ARG A 44 29.02 -8.06 7.12
N GLY A 45 27.85 -8.69 7.22
CA GLY A 45 27.65 -9.65 8.29
C GLY A 45 27.58 -8.99 9.65
N GLU A 46 27.20 -7.72 9.67
CA GLU A 46 27.09 -7.00 10.93
C GLU A 46 25.88 -7.51 11.71
N ALA A 47 25.86 -7.19 13.00
CA ALA A 47 24.74 -7.54 13.86
C ALA A 47 23.44 -6.98 13.29
N ARG A 48 22.47 -7.87 13.06
CA ARG A 48 21.18 -7.47 12.49
C ARG A 48 20.52 -6.35 13.29
N THR A 49 20.44 -6.50 14.60
CA THR A 49 19.73 -5.54 15.42
C THR A 49 20.70 -4.60 16.11
N LEU A 50 20.23 -3.40 16.43
CA LEU A 50 21.01 -2.42 17.15
C LEU A 50 20.11 -1.69 18.14
N ALA A 51 20.69 -1.31 19.28
CA ALA A 51 19.98 -0.44 20.20
C ALA A 51 19.59 0.85 19.50
N TRP A 52 18.54 1.50 20.02
CA TRP A 52 18.00 2.69 19.35
C TRP A 52 19.03 3.82 19.29
N ALA A 53 19.80 4.01 20.36
CA ALA A 53 20.77 5.09 20.38
C ALA A 53 21.75 4.99 19.19
N ASP A 54 22.30 3.80 18.96
CA ASP A 54 23.20 3.65 17.82
C ASP A 54 22.46 3.82 16.49
N THR A 55 21.23 3.30 16.41
CA THR A 55 20.45 3.43 15.18
C THR A 55 20.10 4.88 14.92
N ASP A 56 19.60 5.58 15.94
CA ASP A 56 19.29 6.99 15.84
C ASP A 56 20.48 7.76 15.28
N GLU A 57 21.68 7.51 15.83
CA GLU A 57 22.87 8.26 15.44
C GLU A 57 23.41 7.84 14.09
N ALA A 58 23.37 6.55 13.75
CA ALA A 58 23.88 6.11 12.46
C ALA A 58 23.00 6.60 11.32
N ILE A 59 21.68 6.41 11.44
CA ILE A 59 20.76 6.88 10.41
C ILE A 59 20.68 8.41 10.41
N GLY A 60 20.71 9.03 11.59
CA GLY A 60 20.75 10.47 11.66
C GLY A 60 21.91 11.08 10.90
N ALA A 61 23.10 10.48 11.04
CA ALA A 61 24.27 10.97 10.31
C ALA A 61 24.06 10.87 8.80
N LEU A 62 23.54 9.72 8.34
CA LEU A 62 23.25 9.54 6.93
C LEU A 62 22.17 10.51 6.45
N LEU A 63 21.22 10.86 7.31
CA LEU A 63 20.17 11.79 6.88
C LEU A 63 20.74 13.19 6.74
N LYS A 64 21.63 13.60 7.66
CA LYS A 64 22.15 14.95 7.61
C LYS A 64 23.14 15.14 6.45
N ARG A 65 23.99 14.15 6.19
CA ARG A 65 24.89 14.19 5.04
C ARG A 65 24.13 14.11 3.72
N HIS A 66 23.22 13.16 3.61
CA HIS A 66 22.67 12.78 2.31
C HIS A 66 21.19 13.07 2.17
N GLY A 67 20.59 13.74 3.15
CA GLY A 67 19.24 14.21 3.02
C GLY A 67 19.14 15.32 1.98
N ALA A 68 19.23 14.94 0.71
CA ALA A 68 19.25 15.92 -0.37
C ALA A 68 17.86 16.47 -0.73
N ARG A 69 16.78 16.01 -0.11
CA ARG A 69 15.48 16.63 -0.32
C ARG A 69 14.97 17.32 0.95
N GLY A 70 15.88 17.91 1.71
CA GLY A 70 15.49 18.61 2.92
C GLY A 70 15.16 17.72 4.09
N GLU A 71 15.69 16.49 4.14
CA GLU A 71 15.41 15.60 5.25
C GLU A 71 16.03 16.14 6.53
N ARG A 72 15.26 16.15 7.60
CA ARG A 72 15.83 16.39 8.91
C ARG A 72 16.27 15.08 9.55
N PRO A 73 17.25 15.12 10.48
CA PRO A 73 17.75 13.86 11.09
C PRO A 73 16.76 13.24 12.04
N ARG A 74 15.79 12.50 11.52
CA ARG A 74 14.74 11.88 12.32
C ARG A 74 14.51 10.45 11.85
N PRO A 75 15.40 9.53 12.26
CA PRO A 75 15.23 8.11 11.88
C PRO A 75 13.93 7.49 12.37
N ASP A 76 13.24 8.12 13.32
CA ASP A 76 11.98 7.55 13.81
C ASP A 76 10.95 7.43 12.70
N TYR A 77 10.97 8.34 11.73
CA TYR A 77 10.05 8.23 10.60
C TYR A 77 10.29 6.96 9.79
N PRO A 78 11.45 6.78 9.14
CA PRO A 78 11.59 5.60 8.27
C PRO A 78 11.48 4.29 9.03
N VAL A 79 11.99 4.23 10.27
CA VAL A 79 11.95 2.99 11.05
C VAL A 79 10.51 2.58 11.32
N LEU A 80 9.66 3.54 11.69
CA LEU A 80 8.25 3.21 11.92
C LEU A 80 7.56 2.80 10.61
N ALA A 81 7.85 3.47 9.51
CA ALA A 81 7.26 3.06 8.23
C ALA A 81 7.74 1.66 7.84
N LEU A 82 9.06 1.43 7.91
CA LEU A 82 9.61 0.12 7.60
C LEU A 82 9.02 -0.94 8.53
N HIS A 83 8.89 -0.62 9.82
CA HIS A 83 8.31 -1.60 10.74
C HIS A 83 6.86 -1.89 10.37
N ARG A 84 6.11 -0.88 9.96
CA ARG A 84 4.72 -1.07 9.58
C ARG A 84 4.58 -1.97 8.36
N ALA A 85 5.61 -1.98 7.50
CA ALA A 85 5.58 -2.81 6.31
C ALA A 85 6.11 -4.22 6.56
N GLY A 86 6.45 -4.55 7.81
CA GLY A 86 7.01 -5.85 8.15
C GLY A 86 8.46 -6.01 7.79
N LEU A 87 9.14 -4.94 7.41
CA LEU A 87 10.51 -5.01 6.94
C LEU A 87 11.53 -4.71 8.03
N TRP A 88 11.06 -4.34 9.22
CA TRP A 88 11.93 -3.85 10.29
C TRP A 88 11.39 -4.34 11.63
N THR A 89 12.20 -5.09 12.35
CA THR A 89 11.78 -5.56 13.66
C THR A 89 12.10 -4.55 14.73
N LEU A 90 11.22 -4.47 15.74
CA LEU A 90 11.41 -3.64 16.92
C LEU A 90 11.02 -4.47 18.14
N GLU A 91 11.92 -4.51 19.14
CA GLU A 91 11.68 -5.29 20.34
C GLU A 91 12.22 -4.54 21.55
N GLY A 92 11.78 -4.94 22.73
CA GLY A 92 12.10 -4.20 23.93
C GLY A 92 11.13 -3.08 24.26
N HIS A 93 10.09 -2.89 23.46
CA HIS A 93 9.06 -1.90 23.71
C HIS A 93 7.84 -2.57 24.34
N VAL A 94 6.92 -1.76 24.84
CA VAL A 94 5.69 -2.24 25.45
C VAL A 94 4.52 -1.65 24.67
N GLY A 95 3.49 -2.47 24.40
CA GLY A 95 2.34 -2.01 23.65
C GLY A 95 2.63 -1.93 22.16
N GLU A 96 1.65 -1.50 21.39
CA GLU A 96 1.96 -1.39 19.98
C GLU A 96 2.73 -0.18 19.54
N VAL A 97 3.42 -0.41 18.42
CA VAL A 97 4.27 0.53 17.71
C VAL A 97 3.38 1.51 16.93
N PRO A 98 3.65 2.81 17.01
CA PRO A 98 2.85 3.78 16.26
C PRO A 98 3.20 3.72 14.79
N THR A 99 2.31 4.29 13.98
CA THR A 99 2.67 4.57 12.60
C THR A 99 3.61 5.77 12.54
N ALA A 100 4.14 6.01 11.33
CA ALA A 100 4.97 7.18 11.11
C ALA A 100 4.10 8.40 10.83
N HIS A 101 2.94 8.46 11.48
CA HIS A 101 2.01 9.56 11.32
C HIS A 101 2.13 10.44 12.54
N GLY A 102 2.47 11.72 12.32
CA GLY A 102 2.70 12.64 13.41
C GLY A 102 4.13 13.17 13.36
N ASP A 103 4.65 13.50 14.55
CA ASP A 103 5.97 14.11 14.70
C ASP A 103 6.54 13.86 16.11
N SER A 104 6.20 14.73 17.07
CA SER A 104 6.86 14.70 18.37
C SER A 104 6.50 13.44 19.18
N ALA A 105 5.28 12.93 19.04
CA ALA A 105 4.93 11.68 19.70
C ALA A 105 5.80 10.53 19.20
N LEU A 106 6.13 10.53 17.90
CA LEU A 106 6.98 9.49 17.34
C LEU A 106 8.40 9.58 17.91
N ARG A 107 9.00 10.77 17.83
CA ARG A 107 10.28 11.03 18.48
C ARG A 107 10.25 10.62 19.95
N ASN A 108 9.21 11.02 20.68
CA ASN A 108 9.11 10.69 22.10
C ASN A 108 8.97 9.19 22.33
N TRP A 109 8.22 8.51 21.47
CA TRP A 109 8.05 7.06 21.61
C TRP A 109 9.39 6.34 21.62
N PHE A 110 10.28 6.71 20.70
CA PHE A 110 11.61 6.09 20.67
C PHE A 110 12.43 6.48 21.88
N ALA A 111 12.27 7.71 22.37
CA ALA A 111 13.01 8.13 23.55
C ALA A 111 12.62 7.31 24.77
N GLU A 112 11.32 7.02 24.93
CA GLU A 112 10.83 6.28 26.09
C GLU A 112 11.02 4.77 25.88
N GLN A 113 10.58 4.25 24.75
CA GLN A 113 10.64 2.82 24.53
C GLN A 113 12.04 2.30 24.21
N ARG A 114 12.85 3.10 23.49
CA ARG A 114 14.19 2.68 23.09
C ARG A 114 14.23 1.26 22.53
N PRO A 115 13.50 0.97 21.46
CA PRO A 115 13.36 -0.42 21.00
C PRO A 115 14.64 -0.94 20.36
N VAL A 116 14.90 -2.23 20.58
CA VAL A 116 15.93 -2.98 19.85
C VAL A 116 15.43 -3.18 18.43
N GLY A 117 16.24 -2.80 17.44
CA GLY A 117 15.72 -2.90 16.08
C GLY A 117 16.76 -3.14 15.01
N GLY A 118 16.23 -3.44 13.83
CA GLY A 118 17.01 -3.71 12.63
C GLY A 118 16.11 -4.31 11.59
N LEU A 119 16.64 -4.40 10.36
CA LEU A 119 15.84 -4.94 9.26
C LEU A 119 15.58 -6.41 9.50
N ALA A 120 14.39 -6.86 9.14
CA ALA A 120 13.97 -8.22 9.48
C ALA A 120 14.92 -9.28 8.90
N GLU A 121 15.07 -10.37 9.67
CA GLU A 121 16.00 -11.46 9.38
C GLU A 121 15.94 -12.01 7.97
N PRO A 122 14.78 -12.42 7.43
CA PRO A 122 14.79 -13.08 6.11
C PRO A 122 15.55 -12.24 5.13
N PHE A 123 15.32 -10.93 5.16
CA PHE A 123 15.97 -10.01 4.23
C PHE A 123 17.38 -9.68 4.66
N HIS A 124 17.65 -9.62 5.97
CA HIS A 124 19.02 -9.40 6.44
C HIS A 124 19.92 -10.55 5.99
N ASP A 125 19.55 -11.79 6.28
CA ASP A 125 20.36 -12.93 5.89
C ASP A 125 20.47 -13.04 4.38
N LEU A 126 19.36 -12.84 3.67
CA LEU A 126 19.37 -12.82 2.21
C LEU A 126 20.36 -11.81 1.67
N LEU A 127 20.30 -10.58 2.18
CA LEU A 127 21.21 -9.53 1.70
C LEU A 127 22.65 -9.83 2.10
N HIS A 128 22.85 -10.58 3.19
CA HIS A 128 24.24 -10.90 3.56
C HIS A 128 24.88 -11.87 2.57
N ARG A 129 24.14 -12.86 2.09
CA ARG A 129 24.74 -13.93 1.29
C ARG A 129 24.51 -13.78 -0.21
N SER A 130 23.60 -12.91 -0.65
CA SER A 130 23.26 -12.78 -2.06
C SER A 130 23.64 -11.40 -2.56
N GLY A 131 24.76 -11.34 -3.30
CA GLY A 131 25.11 -10.12 -4.00
C GLY A 131 24.02 -9.72 -4.97
N HIS A 132 23.38 -10.70 -5.61
CA HIS A 132 22.27 -10.42 -6.54
C HIS A 132 21.18 -9.60 -5.88
N SER A 133 20.74 -10.02 -4.69
CA SER A 133 19.67 -9.30 -3.99
C SER A 133 20.10 -7.89 -3.64
N ARG A 134 21.34 -7.72 -3.17
CA ARG A 134 21.85 -6.40 -2.81
C ARG A 134 21.85 -5.46 -4.01
N VAL A 135 22.43 -5.91 -5.14
CA VAL A 135 22.46 -5.11 -6.36
C VAL A 135 21.05 -4.74 -6.80
N SER A 136 20.18 -5.75 -6.86
CA SER A 136 18.80 -5.51 -7.29
C SER A 136 18.09 -4.49 -6.41
N VAL A 137 18.20 -4.63 -5.09
CA VAL A 137 17.51 -3.69 -4.21
C VAL A 137 18.17 -2.31 -4.26
N ILE A 138 19.50 -2.24 -4.34
CA ILE A 138 20.13 -0.92 -4.45
C ILE A 138 19.64 -0.23 -5.71
N GLU A 139 19.56 -0.95 -6.83
CA GLU A 139 19.18 -0.30 -8.07
C GLU A 139 17.72 0.11 -8.08
N ALA A 140 16.87 -0.65 -7.39
CA ALA A 140 15.48 -0.21 -7.25
C ALA A 140 15.39 1.06 -6.41
N LEU A 141 16.22 1.15 -5.37
CA LEU A 141 16.20 2.31 -4.49
C LEU A 141 16.78 3.53 -5.17
N LEU A 142 17.88 3.35 -5.92
CA LEU A 142 18.51 4.50 -6.57
C LEU A 142 17.65 5.02 -7.71
N THR A 143 17.05 4.12 -8.47
CA THR A 143 16.11 4.50 -9.53
C THR A 143 14.94 5.30 -8.97
N THR A 144 14.25 4.75 -7.98
CA THR A 144 13.03 5.37 -7.49
C THR A 144 13.31 6.64 -6.70
N TYR A 145 14.36 6.63 -5.88
CA TYR A 145 14.53 7.69 -4.90
C TYR A 145 15.59 8.70 -5.30
N PHE A 146 16.54 8.35 -6.15
CA PHE A 146 17.68 9.22 -6.40
C PHE A 146 17.80 9.69 -7.84
N ALA A 147 16.72 9.62 -8.61
CA ALA A 147 16.67 10.30 -9.90
C ALA A 147 17.00 11.77 -9.74
N GLY A 148 18.04 12.24 -10.44
CA GLY A 148 18.46 13.62 -10.36
C GLY A 148 19.36 13.92 -9.18
N LEU A 149 19.73 12.91 -8.41
CA LEU A 149 20.59 13.07 -7.25
C LEU A 149 21.86 12.27 -7.47
N ASP A 150 22.95 12.73 -6.84
CA ASP A 150 24.21 12.00 -6.83
C ASP A 150 24.16 11.02 -5.67
N PRO A 151 24.09 9.72 -5.91
CA PRO A 151 24.03 8.74 -4.82
C PRO A 151 25.39 8.32 -4.29
N VAL A 152 26.49 8.71 -4.94
CA VAL A 152 27.78 8.11 -4.61
C VAL A 152 28.18 8.32 -3.16
N PRO A 153 28.16 9.55 -2.61
CA PRO A 153 28.58 9.70 -1.20
C PRO A 153 27.79 8.83 -0.24
N LEU A 154 26.51 8.56 -0.48
CA LEU A 154 25.78 7.65 0.41
C LEU A 154 26.09 6.19 0.10
N LEU A 155 26.39 5.85 -1.15
CA LEU A 155 26.92 4.52 -1.43
C LEU A 155 28.26 4.29 -0.73
N GLU A 156 29.04 5.35 -0.48
CA GLU A 156 30.31 5.14 0.20
C GLU A 156 30.13 5.02 1.71
N ASP A 157 29.17 5.74 2.27
CA ASP A 157 28.91 5.63 3.71
C ASP A 157 28.25 4.31 4.08
N THR A 158 27.63 3.62 3.12
CA THR A 158 27.04 2.32 3.36
C THR A 158 27.90 1.17 2.85
N GLY A 159 29.06 1.46 2.24
CA GLY A 159 29.89 0.40 1.68
C GLY A 159 29.28 -0.34 0.51
N LEU A 160 28.54 0.36 -0.35
CA LEU A 160 27.82 -0.25 -1.46
C LEU A 160 28.19 0.32 -2.81
N TYR A 161 29.24 1.13 -2.90
CA TYR A 161 29.49 1.81 -4.16
C TYR A 161 29.68 0.79 -5.28
N ASP A 162 30.49 -0.24 -5.04
CA ASP A 162 30.77 -1.22 -6.08
C ASP A 162 29.54 -2.01 -6.49
N GLU A 163 28.48 -1.99 -5.70
CA GLU A 163 27.24 -2.66 -6.05
C GLU A 163 26.13 -1.70 -6.46
N GLY A 164 26.30 -0.41 -6.19
CA GLY A 164 25.31 0.58 -6.57
C GLY A 164 25.71 1.32 -7.82
N HIS A 165 26.98 1.28 -8.17
CA HIS A 165 27.47 2.01 -9.34
C HIS A 165 27.44 1.09 -10.56
N HIS A 166 26.44 1.30 -11.40
CA HIS A 166 26.39 0.64 -12.70
C HIS A 166 27.21 1.44 -13.69
N HIS A 167 27.90 0.74 -14.59
CA HIS A 167 28.75 1.37 -15.58
C HIS A 167 27.94 1.73 -16.82
N HIS A 168 28.16 2.93 -17.34
CA HIS A 168 27.40 3.44 -18.48
C HIS A 168 28.29 4.09 -19.52
N HIS A 169 29.59 3.85 -19.48
CA HIS A 169 30.51 4.43 -20.46
C HIS A 169 31.53 3.41 -20.96
P AS C 5 8.48 8.89 4.97
OP1 AS C 5 9.40 8.97 3.60
S2P AS C 5 9.50 8.03 6.45
O5' AS C 5 8.08 10.49 5.43
C5' AS C 5 8.39 11.03 6.71
C4' AS C 5 7.59 12.30 6.59
O4' AS C 5 6.21 12.03 6.79
C3' AS C 5 7.97 13.41 7.55
O3' AS C 5 8.91 14.24 6.89
C2' AS C 5 6.66 14.14 7.75
C1' AS C 5 5.60 13.28 7.07
N9 AS C 5 4.48 13.14 8.02
C8 AS C 5 4.24 12.13 8.87
N7 AS C 5 3.11 12.42 9.56
C5 AS C 5 2.66 13.63 9.14
C6 AS C 5 1.58 14.44 9.46
N6 AS C 5 0.68 14.07 10.41
N1 AS C 5 1.42 15.61 8.82
C2 AS C 5 2.28 16.02 7.88
N3 AS C 5 3.33 15.26 7.55
C4 AS C 5 3.53 14.07 8.15
N PRO D 1 -5.64 22.39 -16.78
CA PRO D 1 -6.08 22.32 -15.38
C PRO D 1 -6.46 20.91 -14.97
N LEU D 2 -7.04 20.80 -13.77
CA LEU D 2 -7.54 19.52 -13.28
C LEU D 2 -8.78 19.12 -14.08
N THR D 3 -8.63 18.13 -14.96
CA THR D 3 -9.68 17.66 -15.83
C THR D 3 -10.19 16.32 -15.32
N ASP D 4 -11.29 15.87 -15.93
CA ASP D 4 -11.78 14.52 -15.65
C ASP D 4 -10.77 13.47 -16.06
N THR D 5 -9.95 13.75 -17.07
CA THR D 5 -8.88 12.82 -17.41
C THR D 5 -7.98 12.61 -16.20
N ASP D 6 -7.51 13.70 -15.57
CA ASP D 6 -6.63 13.56 -14.41
C ASP D 6 -7.35 12.90 -13.23
N ARG D 7 -8.58 13.33 -12.96
CA ARG D 7 -9.38 12.68 -11.91
C ARG D 7 -9.52 11.19 -12.17
N SER D 8 -9.64 10.81 -13.44
CA SER D 8 -9.79 9.40 -13.77
C SER D 8 -8.48 8.65 -13.63
N GLU D 9 -7.35 9.27 -13.99
CA GLU D 9 -6.10 8.58 -13.71
C GLU D 9 -5.83 8.48 -12.22
N ASP D 10 -6.18 9.52 -11.45
CA ASP D 10 -6.06 9.46 -10.00
C ASP D 10 -6.87 8.28 -9.46
N PHE D 11 -8.16 8.21 -9.83
CA PHE D 11 -9.01 7.11 -9.41
C PHE D 11 -8.40 5.77 -9.80
N LEU D 12 -7.94 5.68 -11.05
CA LEU D 12 -7.48 4.40 -11.61
C LEU D 12 -6.23 3.88 -10.91
N ARG D 13 -5.29 4.76 -10.55
CA ARG D 13 -4.11 4.29 -9.83
C ARG D 13 -4.45 3.95 -8.38
N ARG D 14 -5.44 4.63 -7.80
CA ARG D 14 -5.94 4.22 -6.48
C ARG D 14 -6.64 2.87 -6.55
N VAL D 15 -7.38 2.61 -7.62
CA VAL D 15 -8.05 1.31 -7.77
C VAL D 15 -7.04 0.22 -8.05
N ARG D 16 -6.11 0.48 -8.97
CA ARG D 16 -5.07 -0.50 -9.24
C ARG D 16 -4.19 -0.71 -8.02
N GLY D 17 -4.09 0.30 -7.16
CA GLY D 17 -3.33 0.19 -5.92
C GLY D 17 -4.01 -0.62 -4.84
N LEU D 18 -5.25 -1.06 -5.06
CA LEU D 18 -5.92 -1.92 -4.08
C LEU D 18 -5.25 -3.28 -4.03
N LYS D 19 -5.40 -3.96 -2.89
CA LYS D 19 -4.80 -5.27 -2.69
C LYS D 19 -5.92 -6.25 -2.31
N ALA D 20 -6.48 -6.91 -3.32
CA ALA D 20 -7.49 -7.93 -3.07
C ALA D 20 -6.86 -9.20 -2.50
N ALA D 21 -7.64 -9.90 -1.66
CA ALA D 21 -7.28 -11.25 -1.28
C ALA D 21 -7.20 -12.14 -2.52
N ARG D 22 -6.33 -13.13 -2.46
CA ARG D 22 -5.95 -13.96 -3.60
C ARG D 22 -6.38 -15.41 -3.40
N THR D 23 -6.95 -16.01 -4.45
CA THR D 23 -7.28 -17.42 -4.52
C THR D 23 -6.25 -18.18 -5.36
N ALA D 24 -6.55 -19.45 -5.61
CA ALA D 24 -5.65 -20.28 -6.42
C ALA D 24 -5.58 -19.82 -7.87
N ASN D 25 -6.69 -19.37 -8.45
CA ASN D 25 -6.65 -18.83 -9.80
C ASN D 25 -7.21 -17.41 -9.89
N GLY D 26 -6.88 -16.57 -8.91
CA GLY D 26 -6.90 -15.14 -9.08
C GLY D 26 -7.38 -14.37 -7.86
N PRO D 27 -7.57 -13.07 -8.04
CA PRO D 27 -7.97 -12.21 -6.93
C PRO D 27 -9.44 -12.38 -6.62
N ARG D 28 -9.78 -12.19 -5.35
CA ARG D 28 -11.17 -12.27 -4.97
C ARG D 28 -11.92 -11.05 -5.50
N LEU D 29 -13.22 -11.23 -5.73
CA LEU D 29 -14.03 -10.32 -6.52
C LEU D 29 -14.84 -9.34 -5.68
N TYR D 30 -14.72 -9.37 -4.36
CA TYR D 30 -15.43 -8.46 -3.44
C TYR D 30 -15.37 -7.02 -3.92
N GLN D 31 -14.15 -6.50 -4.08
CA GLN D 31 -13.91 -5.09 -4.31
C GLN D 31 -14.29 -4.66 -5.72
N PRO D 32 -13.89 -5.39 -6.79
CA PRO D 32 -14.38 -5.01 -8.12
C PRO D 32 -15.88 -5.13 -8.26
N ILE D 33 -16.50 -6.18 -7.69
CA ILE D 33 -17.95 -6.27 -7.72
C ILE D 33 -18.58 -5.07 -7.03
N THR D 34 -18.01 -4.64 -5.89
CA THR D 34 -18.53 -3.46 -5.22
C THR D 34 -18.27 -2.20 -6.03
N LEU D 35 -17.04 -2.06 -6.55
CA LEU D 35 -16.73 -0.91 -7.40
C LEU D 35 -17.64 -0.84 -8.60
N LEU D 36 -17.83 -1.97 -9.29
CA LEU D 36 -18.69 -2.02 -10.47
C LEU D 36 -20.13 -1.68 -10.12
N TRP D 37 -20.59 -2.14 -8.95
CA TRP D 37 -21.91 -1.75 -8.46
C TRP D 37 -22.02 -0.23 -8.33
N ALA D 38 -21.02 0.40 -7.69
CA ALA D 38 -21.06 1.86 -7.51
C ALA D 38 -20.91 2.59 -8.83
N VAL D 39 -20.10 2.06 -9.74
CA VAL D 39 -19.97 2.67 -11.07
C VAL D 39 -21.34 2.76 -11.74
N GLY D 40 -22.07 1.64 -11.79
CA GLY D 40 -23.39 1.66 -12.39
C GLY D 40 -24.33 2.64 -11.70
N ARG D 41 -24.31 2.64 -10.37
CA ARG D 41 -25.20 3.55 -9.66
C ARG D 41 -24.77 4.99 -9.88
N ALA D 42 -23.47 5.24 -9.99
CA ALA D 42 -23.01 6.57 -10.35
C ALA D 42 -23.44 6.92 -11.76
N ARG D 43 -23.33 5.97 -12.68
CA ARG D 43 -23.71 6.22 -14.06
C ARG D 43 -25.17 6.64 -14.17
N ARG D 44 -26.02 6.08 -13.32
CA ARG D 44 -27.44 6.35 -13.39
C ARG D 44 -27.86 7.53 -12.53
N GLY D 45 -26.90 8.20 -11.89
CA GLY D 45 -27.22 9.34 -11.07
C GLY D 45 -27.99 8.98 -9.83
N GLU D 46 -27.85 7.75 -9.37
CA GLU D 46 -28.48 7.33 -8.13
C GLU D 46 -27.81 8.01 -6.95
N ALA D 47 -28.50 8.01 -5.81
CA ALA D 47 -27.95 8.61 -4.60
C ALA D 47 -26.60 8.00 -4.27
N ARG D 48 -25.57 8.85 -4.15
CA ARG D 48 -24.22 8.35 -3.90
C ARG D 48 -24.18 7.33 -2.76
N THR D 49 -24.78 7.68 -1.64
CA THR D 49 -24.75 6.85 -0.44
C THR D 49 -26.05 6.06 -0.29
N LEU D 50 -25.96 4.95 0.42
CA LEU D 50 -27.10 4.12 0.76
C LEU D 50 -26.94 3.59 2.16
N ALA D 51 -28.07 3.43 2.83
CA ALA D 51 -28.13 2.74 4.12
C ALA D 51 -27.54 1.35 3.97
N TRP D 52 -27.05 0.80 5.09
CA TRP D 52 -26.33 -0.46 5.04
C TRP D 52 -27.21 -1.62 4.56
N ALA D 53 -28.45 -1.67 5.04
CA ALA D 53 -29.37 -2.75 4.65
C ALA D 53 -29.52 -2.83 3.14
N ASP D 54 -29.72 -1.69 2.49
CA ASP D 54 -29.77 -1.68 1.03
C ASP D 54 -28.42 -2.04 0.43
N THR D 55 -27.33 -1.56 1.03
CA THR D 55 -26.02 -1.89 0.52
C THR D 55 -25.73 -3.37 0.71
N ASP D 56 -25.97 -3.88 1.92
CA ASP D 56 -25.74 -5.29 2.22
C ASP D 56 -26.45 -6.20 1.22
N GLU D 57 -27.75 -5.95 1.00
CA GLU D 57 -28.50 -6.86 0.14
C GLU D 57 -28.20 -6.62 -1.33
N ALA D 58 -27.90 -5.40 -1.74
CA ALA D 58 -27.56 -5.18 -3.14
C ALA D 58 -26.23 -5.82 -3.49
N ILE D 59 -25.18 -5.53 -2.72
CA ILE D 59 -23.88 -6.12 -3.00
C ILE D 59 -23.91 -7.60 -2.67
N GLY D 60 -24.59 -7.97 -1.60
CA GLY D 60 -24.74 -9.38 -1.29
C GLY D 60 -25.30 -10.15 -2.47
N ALA D 61 -26.33 -9.61 -3.12
CA ALA D 61 -26.93 -10.27 -4.27
C ALA D 61 -25.92 -10.42 -5.40
N LEU D 62 -25.17 -9.36 -5.70
CA LEU D 62 -24.14 -9.47 -6.73
C LEU D 62 -23.07 -10.48 -6.35
N LEU D 63 -22.79 -10.61 -5.07
CA LEU D 63 -21.78 -11.57 -4.64
C LEU D 63 -22.26 -13.00 -4.81
N LYS D 64 -23.53 -13.31 -4.54
CA LYS D 64 -24.00 -14.67 -4.78
C LYS D 64 -24.14 -14.97 -6.26
N ARG D 65 -24.63 -14.00 -7.03
CA ARG D 65 -24.81 -14.23 -8.47
C ARG D 65 -23.46 -14.41 -9.15
N HIS D 66 -22.51 -13.52 -8.87
CA HIS D 66 -21.30 -13.40 -9.66
C HIS D 66 -20.03 -13.66 -8.86
N GLY D 67 -20.13 -14.11 -7.61
CA GLY D 67 -18.96 -14.56 -6.90
C GLY D 67 -18.36 -15.82 -7.52
N ALA D 68 -17.73 -15.65 -8.68
CA ALA D 68 -17.20 -16.74 -9.48
C ALA D 68 -15.85 -17.29 -8.99
N ARG D 69 -15.25 -16.74 -7.93
CA ARG D 69 -14.10 -17.33 -7.24
C ARG D 69 -14.45 -17.74 -5.82
N GLY D 70 -15.67 -18.22 -5.62
CA GLY D 70 -16.10 -18.71 -4.33
C GLY D 70 -16.45 -17.64 -3.34
N GLU D 71 -16.84 -16.46 -3.81
CA GLU D 71 -17.18 -15.38 -2.88
C GLU D 71 -18.44 -15.75 -2.11
N ARG D 72 -18.40 -15.54 -0.81
CA ARG D 72 -19.57 -15.60 0.05
C ARG D 72 -20.25 -14.24 0.07
N PRO D 73 -21.56 -14.18 0.31
CA PRO D 73 -22.25 -12.89 0.29
C PRO D 73 -21.94 -12.06 1.53
N ARG D 74 -20.80 -11.37 1.53
CA ARG D 74 -20.33 -10.60 2.69
C ARG D 74 -19.82 -9.24 2.22
N PRO D 75 -20.71 -8.29 1.93
CA PRO D 75 -20.25 -6.98 1.48
C PRO D 75 -19.42 -6.25 2.51
N ASP D 76 -19.46 -6.68 3.76
CA ASP D 76 -18.67 -5.99 4.78
C ASP D 76 -17.18 -6.00 4.45
N TYR D 77 -16.70 -7.07 3.81
CA TYR D 77 -15.29 -7.14 3.43
C TYR D 77 -14.90 -6.03 2.46
N PRO D 78 -15.45 -5.97 1.23
CA PRO D 78 -14.98 -4.93 0.30
C PRO D 78 -15.30 -3.51 0.76
N VAL D 79 -16.44 -3.31 1.42
CA VAL D 79 -16.80 -1.97 1.87
C VAL D 79 -15.76 -1.46 2.86
N LEU D 80 -15.32 -2.32 3.78
CA LEU D 80 -14.26 -1.89 4.70
C LEU D 80 -12.94 -1.69 3.94
N ALA D 81 -12.63 -2.58 2.99
CA ALA D 81 -11.40 -2.43 2.21
C ALA D 81 -11.43 -1.15 1.38
N LEU D 82 -12.52 -0.91 0.67
CA LEU D 82 -12.67 0.32 -0.10
C LEU D 82 -12.59 1.54 0.82
N HIS D 83 -13.20 1.46 2.01
CA HIS D 83 -13.14 2.59 2.94
C HIS D 83 -11.71 2.85 3.38
N ARG D 84 -10.97 1.79 3.71
CA ARG D 84 -9.60 1.96 4.18
C ARG D 84 -8.72 2.61 3.11
N ALA D 85 -9.07 2.43 1.83
CA ALA D 85 -8.36 3.04 0.72
C ALA D 85 -8.85 4.44 0.39
N GLY D 86 -9.75 5.01 1.19
CA GLY D 86 -10.28 6.32 0.87
C GLY D 86 -11.26 6.35 -0.28
N LEU D 87 -11.69 5.20 -0.79
CA LEU D 87 -12.56 5.16 -1.95
C LEU D 87 -14.03 5.02 -1.58
N TRP D 88 -14.33 4.83 -0.30
CA TRP D 88 -15.68 4.52 0.16
C TRP D 88 -15.92 5.24 1.47
N THR D 89 -16.90 6.13 1.50
CA THR D 89 -17.23 6.80 2.75
C THR D 89 -18.18 5.95 3.58
N LEU D 90 -18.07 6.10 4.91
CA LEU D 90 -18.98 5.52 5.89
C LEU D 90 -19.31 6.56 6.93
N GLU D 91 -20.60 6.74 7.24
CA GLU D 91 -21.00 7.72 8.22
C GLU D 91 -22.21 7.20 9.00
N GLY D 92 -22.51 7.88 10.11
CA GLY D 92 -23.54 7.47 11.04
C GLY D 92 -23.08 6.46 12.06
N HIS D 93 -21.82 6.06 12.02
CA HIS D 93 -21.28 5.07 12.93
C HIS D 93 -20.61 5.73 14.13
N VAL D 94 -20.25 4.88 15.09
CA VAL D 94 -19.59 5.26 16.33
C VAL D 94 -18.24 4.57 16.39
N GLY D 95 -17.22 5.32 16.82
CA GLY D 95 -15.88 4.77 16.90
C GLY D 95 -15.21 4.71 15.54
N GLU D 96 -14.01 4.17 15.52
CA GLU D 96 -13.29 4.00 14.26
C GLU D 96 -13.81 2.82 13.46
N VAL D 97 -13.64 2.93 12.15
CA VAL D 97 -13.99 1.87 11.20
C VAL D 97 -12.89 0.80 11.24
N PRO D 98 -13.23 -0.49 11.32
CA PRO D 98 -12.20 -1.53 11.29
C PRO D 98 -11.63 -1.74 9.90
N THR D 99 -10.47 -2.40 9.85
CA THR D 99 -9.98 -2.92 8.60
C THR D 99 -10.80 -4.15 8.20
N ALA D 100 -10.57 -4.60 6.97
CA ALA D 100 -11.24 -5.82 6.50
C ALA D 100 -10.49 -7.08 6.95
N HIS D 101 -9.97 -7.05 8.15
CA HIS D 101 -9.24 -8.15 8.70
C HIS D 101 -10.07 -8.86 9.72
N GLY D 102 -10.28 -10.14 9.56
CA GLY D 102 -11.18 -10.85 10.45
C GLY D 102 -12.40 -11.41 9.72
N ASP D 103 -13.50 -11.49 10.44
CA ASP D 103 -14.71 -12.11 9.90
C ASP D 103 -15.95 -11.66 10.67
N SER D 104 -16.24 -12.35 11.78
CA SER D 104 -17.49 -12.12 12.50
C SER D 104 -17.55 -10.74 13.13
N ALA D 105 -16.41 -10.22 13.61
CA ALA D 105 -16.39 -8.86 14.12
C ALA D 105 -16.77 -7.86 13.03
N LEU D 106 -16.34 -8.12 11.80
CA LEU D 106 -16.66 -7.23 10.69
C LEU D 106 -18.16 -7.26 10.38
N ARG D 107 -18.73 -8.44 10.17
CA ARG D 107 -20.18 -8.55 9.98
C ARG D 107 -20.93 -7.88 11.13
N ASN D 108 -20.53 -8.18 12.39
CA ASN D 108 -21.22 -7.64 13.55
C ASN D 108 -21.11 -6.12 13.59
N TRP D 109 -19.95 -5.59 13.21
CA TRP D 109 -19.76 -4.15 13.20
C TRP D 109 -20.81 -3.47 12.32
N PHE D 110 -21.00 -3.99 11.11
CA PHE D 110 -22.03 -3.42 10.24
C PHE D 110 -23.44 -3.65 10.77
N ALA D 111 -23.67 -4.78 11.42
CA ALA D 111 -24.99 -5.06 11.99
C ALA D 111 -25.34 -4.04 13.07
N GLU D 112 -24.38 -3.66 13.90
CA GLU D 112 -24.65 -2.69 14.95
C GLU D 112 -24.55 -1.26 14.44
N GLN D 113 -23.48 -0.94 13.73
CA GLN D 113 -23.28 0.44 13.31
C GLN D 113 -24.19 0.81 12.16
N ARG D 114 -24.46 -0.14 11.26
CA ARG D 114 -25.27 0.06 10.06
C ARG D 114 -25.00 1.41 9.38
N PRO D 115 -23.75 1.66 8.98
CA PRO D 115 -23.40 2.99 8.46
C PRO D 115 -23.95 3.25 7.07
N VAL D 116 -24.27 4.52 6.83
CA VAL D 116 -24.52 5.02 5.48
C VAL D 116 -23.18 5.15 4.74
N GLY D 117 -23.13 4.59 3.53
CA GLY D 117 -21.91 4.59 2.75
C GLY D 117 -22.15 4.54 1.27
N GLY D 118 -21.06 4.73 0.54
CA GLY D 118 -21.06 4.75 -0.91
C GLY D 118 -19.73 5.28 -1.40
N LEU D 119 -19.51 5.16 -2.70
CA LEU D 119 -18.22 5.53 -3.27
C LEU D 119 -17.95 7.02 -3.07
N ALA D 120 -16.67 7.34 -2.81
CA ALA D 120 -16.28 8.68 -2.40
C ALA D 120 -16.69 9.73 -3.44
N GLU D 121 -17.11 10.89 -2.94
CA GLU D 121 -17.75 11.94 -3.76
C GLU D 121 -17.01 12.29 -5.04
N PRO D 122 -15.69 12.57 -5.04
CA PRO D 122 -15.09 12.95 -6.32
C PRO D 122 -15.30 11.88 -7.39
N PHE D 123 -15.14 10.62 -7.04
CA PHE D 123 -15.21 9.54 -8.03
C PHE D 123 -16.63 9.23 -8.43
N HIS D 124 -17.58 9.34 -7.50
CA HIS D 124 -18.99 9.14 -7.85
C HIS D 124 -19.45 10.16 -8.89
N ASP D 125 -19.21 11.45 -8.63
CA ASP D 125 -19.59 12.48 -9.59
C ASP D 125 -18.84 12.29 -10.91
N LEU D 126 -17.54 11.98 -10.84
CA LEU D 126 -16.75 11.71 -12.04
C LEU D 126 -17.36 10.57 -12.84
N LEU D 127 -17.70 9.47 -12.18
CA LEU D 127 -18.26 8.32 -12.88
C LEU D 127 -19.65 8.63 -13.42
N HIS D 128 -20.39 9.52 -12.77
CA HIS D 128 -21.68 9.94 -13.29
C HIS D 128 -21.54 10.79 -14.54
N ARG D 129 -20.52 11.65 -14.61
CA ARG D 129 -20.46 12.62 -15.70
C ARG D 129 -19.55 12.19 -16.84
N SER D 130 -18.63 11.25 -16.62
CA SER D 130 -17.64 10.89 -17.63
C SER D 130 -17.80 9.42 -17.99
N GLY D 131 -18.42 9.17 -19.15
CA GLY D 131 -18.50 7.82 -19.66
C GLY D 131 -17.15 7.21 -19.92
N HIS D 132 -16.20 8.01 -20.41
CA HIS D 132 -14.86 7.47 -20.65
C HIS D 132 -14.24 6.93 -19.37
N SER D 133 -14.42 7.65 -18.25
CA SER D 133 -13.90 7.18 -16.96
C SER D 133 -14.55 5.85 -16.57
N ARG D 134 -15.85 5.72 -16.80
CA ARG D 134 -16.53 4.47 -16.51
C ARG D 134 -15.92 3.33 -17.30
N VAL D 135 -15.77 3.52 -18.61
CA VAL D 135 -15.14 2.50 -19.44
C VAL D 135 -13.72 2.23 -18.96
N SER D 136 -12.94 3.30 -18.68
CA SER D 136 -11.58 3.11 -18.15
C SER D 136 -11.62 2.28 -16.88
N VAL D 137 -12.51 2.62 -15.96
CA VAL D 137 -12.55 1.87 -14.71
C VAL D 137 -13.06 0.44 -14.96
N ILE D 138 -14.03 0.24 -15.86
CA ILE D 138 -14.54 -1.10 -16.10
C ILE D 138 -13.45 -2.02 -16.66
N GLU D 139 -12.70 -1.55 -17.66
CA GLU D 139 -11.69 -2.42 -18.23
C GLU D 139 -10.52 -2.63 -17.25
N ALA D 140 -10.21 -1.62 -16.45
CA ALA D 140 -9.18 -1.82 -15.45
C ALA D 140 -9.59 -2.91 -14.47
N LEU D 141 -10.87 -2.96 -14.14
CA LEU D 141 -11.41 -3.99 -13.26
C LEU D 141 -11.55 -5.32 -13.99
N LEU D 142 -12.01 -5.31 -15.25
CA LEU D 142 -12.15 -6.56 -15.97
C LEU D 142 -10.79 -7.16 -16.33
N THR D 143 -9.82 -6.33 -16.73
CA THR D 143 -8.47 -6.85 -16.95
C THR D 143 -7.94 -7.55 -15.70
N THR D 144 -7.90 -6.82 -14.58
CA THR D 144 -7.20 -7.29 -13.38
C THR D 144 -7.95 -8.42 -12.70
N TYR D 145 -9.28 -8.35 -12.67
CA TYR D 145 -10.04 -9.24 -11.81
C TYR D 145 -10.75 -10.37 -12.54
N PHE D 146 -11.05 -10.20 -13.84
CA PHE D 146 -11.92 -11.16 -14.51
C PHE D 146 -11.23 -11.87 -15.68
N ALA D 147 -9.91 -11.87 -15.71
CA ALA D 147 -9.19 -12.75 -16.62
C ALA D 147 -9.66 -14.18 -16.42
N GLY D 148 -10.13 -14.81 -17.51
CA GLY D 148 -10.65 -16.16 -17.44
C GLY D 148 -12.07 -16.26 -16.96
N LEU D 149 -12.73 -15.13 -16.73
CA LEU D 149 -14.09 -15.11 -16.22
C LEU D 149 -14.99 -14.42 -17.23
N ASP D 150 -16.26 -14.83 -17.27
CA ASP D 150 -17.25 -14.17 -18.11
C ASP D 150 -17.84 -13.03 -17.30
N PRO D 151 -17.57 -11.76 -17.64
CA PRO D 151 -18.10 -10.65 -16.84
C PRO D 151 -19.48 -10.18 -17.22
N VAL D 152 -20.05 -10.69 -18.31
CA VAL D 152 -21.27 -10.08 -18.86
C VAL D 152 -22.42 -10.08 -17.87
N PRO D 153 -22.80 -11.20 -17.23
CA PRO D 153 -23.94 -11.15 -16.30
C PRO D 153 -23.79 -10.13 -15.18
N LEU D 154 -22.58 -9.88 -14.69
CA LEU D 154 -22.38 -8.85 -13.65
C LEU D 154 -22.41 -7.45 -14.23
N LEU D 155 -21.86 -7.26 -15.43
CA LEU D 155 -22.02 -5.97 -16.11
C LEU D 155 -23.48 -5.68 -16.39
N GLU D 156 -24.28 -6.72 -16.54
CA GLU D 156 -25.68 -6.54 -16.84
C GLU D 156 -26.48 -6.24 -15.58
N ASP D 157 -26.08 -6.80 -14.44
CA ASP D 157 -26.74 -6.44 -13.19
C ASP D 157 -26.34 -5.07 -12.68
N THR D 158 -25.24 -4.50 -13.16
CA THR D 158 -24.87 -3.15 -12.78
C THR D 158 -25.22 -2.12 -13.84
N GLY D 159 -25.82 -2.52 -14.96
CA GLY D 159 -26.16 -1.61 -16.04
C GLY D 159 -24.96 -1.07 -16.77
N LEU D 160 -23.91 -1.89 -16.93
CA LEU D 160 -22.67 -1.46 -17.56
C LEU D 160 -22.34 -2.27 -18.80
N TYR D 161 -23.29 -3.07 -19.30
CA TYR D 161 -23.00 -3.94 -20.43
C TYR D 161 -22.47 -3.16 -21.63
N ASP D 162 -23.19 -2.12 -22.06
CA ASP D 162 -22.74 -1.36 -23.21
C ASP D 162 -21.42 -0.64 -22.98
N GLU D 163 -20.93 -0.59 -21.74
CA GLU D 163 -19.65 0.00 -21.45
C GLU D 163 -18.56 -1.01 -21.12
N GLY D 164 -18.93 -2.28 -20.94
CA GLY D 164 -17.98 -3.33 -20.62
C GLY D 164 -17.57 -4.18 -21.81
P AS F 5 -10.74 -8.66 -0.27
OP1 AS F 5 -11.10 -9.23 -1.76
S2P AS F 5 -12.24 -7.55 0.42
O5' AS F 5 -10.62 -9.95 0.85
C5' AS F 5 -11.76 -10.50 1.49
C4' AS F 5 -11.15 -11.71 2.18
O4' AS F 5 -10.25 -11.31 3.20
C3' AS F 5 -12.13 -12.66 2.84
O3' AS F 5 -12.59 -13.62 1.89
C2' AS F 5 -11.26 -13.29 3.91
C1' AS F 5 -9.97 -12.47 3.94
N9 AS F 5 -9.58 -12.17 5.35
C8 AS F 5 -9.84 -11.05 6.06
N7 AS F 5 -9.32 -11.20 7.31
C5 AS F 5 -8.75 -12.43 7.35
C6 AS F 5 -8.05 -13.13 8.33
N6 AS F 5 -7.84 -12.59 9.56
N1 AS F 5 -7.59 -14.36 8.05
C2 AS F 5 -7.76 -14.92 6.85
N3 AS F 5 -8.42 -14.27 5.88
C4 AS F 5 -8.91 -13.02 6.12
#